data_2C78
#
_entry.id   2C78
#
_cell.length_a   86.686
_cell.length_b   86.686
_cell.length_c   105.514
_cell.angle_alpha   90.00
_cell.angle_beta   90.00
_cell.angle_gamma   120.00
#
_symmetry.space_group_name_H-M   'P 65'
#
loop_
_entity.id
_entity.type
_entity.pdbx_description
1 polymer 'ELONGATION FACTOR TU-A'
2 non-polymer 'PHOSPHOAMINOPHOSPHONIC ACID-GUANYLATE ESTER'
3 non-polymer 'MAGNESIUM ION'
4 non-polymer '(1S,2S,3E,5E,7E,10S,11S,12S)-12-[(2R,4E,6E,8Z,10R,12E,14E,16Z,18S,19Z)-10,18-DIHYDROXY-12,16,19-TRIMETHYL-11,22-DIOXOOX ACYCLODOCOSA-4,6,8,12,14,16,19-HEPTAEN-2-YL]-2,11-DIHYDROXY-1,10-DIMETHYL-9-OXOTRIDECA-3,5,7-TRIEN-1-YL 6-DEOXY-2,4-DI-O-METHYL-BETA-L-GALACTOPYRANOSIDE'
5 water water
#
_entity_poly.entity_id   1
_entity_poly.type   'polypeptide(L)'
_entity_poly.pdbx_seq_one_letter_code
;AKGEFVRTKPHVNVGTIGHVDHGKTTLTAALTYVAAAENPNVEVKDYGDIDKAPEERARGITINTAHVEYETAKRHYSHV
DCPGHADYIKNMITGAAQMDGAILVVSAADGPMPQTREHILLARQVGVPYIVVFMNKVDMVDDPELLDLVEMEVRDLLNQ
YEFPGDEVPVIRGSALLALEQMHRNPKTRRGENEWVDKIWELLDAIDEYIPTPVRDVDKPFLMPVEDVFTITGRGTVATG
RIERGKVKVGDEVEIVGLAPETRKTVVTGVEMHRKTLQEGIAGDNVGVLLRGVSREEVERGQVLAKPGSITPHTKFEASV
YVLKKEEGGRHTGFFSGYRPQFYFRTTDVTGVVQLPPGVEMVMPGDNVTFTVELIKPVALEEGLRFAIREGGRTVGAGVV
TKILE
;
_entity_poly.pdbx_strand_id   A
#
loop_
_chem_comp.id
_chem_comp.type
_chem_comp.name
_chem_comp.formula
GNP non-polymer 'PHOSPHOAMINOPHOSPHONIC ACID-GUANYLATE ESTER' 'C10 H17 N6 O13 P3'
MG non-polymer 'MAGNESIUM ION' 'Mg 2'
PUL non-polymer '(1S,2S,3E,5E,7E,10S,11S,12S)-12-[(2R,4E,6E,8Z,10R,12E,14E,16Z,18S,19Z)-10,18-DIHYDROXY-12,16,19-TRIMETHYL-11,22-DIOXOOX ACYCLODOCOSA-4,6,8,12,14,16,19-HEPTAEN-2-YL]-2,11-DIHYDROXY-1,10-DIMETHYL-9-OXOTRIDECA-3,5,7-TRIEN-1-YL 6-DEOXY-2,4-DI-O-METHYL-BETA-L-GALACTOPYRANOSIDE' 'C47 H66 O13'
#
# COMPACT_ATOMS: atom_id res chain seq x y z
N LYS A 9 12.67 2.28 21.51
CA LYS A 9 12.63 1.49 20.23
C LYS A 9 11.89 2.26 19.14
N PRO A 10 12.57 2.51 18.01
CA PRO A 10 11.93 3.25 16.91
C PRO A 10 10.71 2.49 16.38
N HIS A 11 9.74 3.24 15.87
CA HIS A 11 8.53 2.68 15.32
C HIS A 11 8.65 2.52 13.81
N VAL A 12 8.19 1.38 13.28
CA VAL A 12 8.26 1.11 11.85
C VAL A 12 6.96 0.43 11.41
N ASN A 13 6.48 0.80 10.23
CA ASN A 13 5.26 0.22 9.68
C ASN A 13 5.61 -0.85 8.64
N VAL A 14 5.01 -2.02 8.79
CA VAL A 14 5.23 -3.11 7.85
C VAL A 14 3.85 -3.70 7.53
N GLY A 15 3.82 -4.77 6.76
CA GLY A 15 2.53 -5.36 6.46
C GLY A 15 2.71 -6.57 5.59
N THR A 16 1.60 -7.23 5.27
CA THR A 16 1.61 -8.43 4.46
C THR A 16 0.80 -8.23 3.17
N ILE A 17 1.42 -8.63 2.07
CA ILE A 17 0.81 -8.56 0.75
C ILE A 17 1.03 -9.88 0.04
N GLY A 18 0.34 -10.05 -1.08
CA GLY A 18 0.47 -11.30 -1.82
C GLY A 18 -0.87 -11.85 -2.27
N HIS A 19 -0.80 -12.87 -3.13
CA HIS A 19 -1.98 -13.50 -3.70
C HIS A 19 -2.94 -14.08 -2.67
N VAL A 20 -4.22 -14.11 -3.01
CA VAL A 20 -5.26 -14.63 -2.13
C VAL A 20 -4.94 -16.03 -1.62
N ASP A 21 -5.16 -16.21 -0.31
CA ASP A 21 -4.94 -17.50 0.37
C ASP A 21 -3.52 -17.98 0.53
N HIS A 22 -2.52 -17.19 0.15
CA HIS A 22 -1.17 -17.67 0.31
C HIS A 22 -0.67 -17.72 1.74
N GLY A 23 -1.40 -17.06 2.65
CA GLY A 23 -1.06 -17.14 4.07
C GLY A 23 -0.77 -15.89 4.88
N LYS A 24 -1.13 -14.72 4.35
CA LYS A 24 -0.88 -13.44 5.00
C LYS A 24 -1.39 -13.30 6.43
N THR A 25 -2.65 -13.67 6.63
CA THR A 25 -3.25 -13.52 7.95
C THR A 25 -2.72 -14.53 8.96
N THR A 26 -2.50 -15.76 8.52
CA THR A 26 -1.94 -16.78 9.39
C THR A 26 -0.54 -16.35 9.79
N LEU A 27 0.23 -15.77 8.86
CA LEU A 27 1.58 -15.33 9.17
C LEU A 27 1.54 -14.19 10.17
N THR A 28 0.58 -13.28 10.00
CA THR A 28 0.44 -12.14 10.90
C THR A 28 0.18 -12.67 12.32
N ALA A 29 -0.73 -13.64 12.45
CA ALA A 29 -1.00 -14.22 13.76
C ALA A 29 0.26 -14.86 14.35
N ALA A 30 0.95 -15.65 13.53
CA ALA A 30 2.19 -16.30 13.97
C ALA A 30 3.22 -15.28 14.45
N LEU A 31 3.34 -14.17 13.74
CA LEU A 31 4.30 -13.14 14.14
C LEU A 31 4.00 -12.64 15.55
N THR A 32 2.73 -12.37 15.87
CA THR A 32 2.42 -11.88 17.20
C THR A 32 2.75 -12.92 18.27
N TYR A 33 2.43 -14.18 18.02
CA TYR A 33 2.73 -15.22 19.01
C TYR A 33 4.23 -15.43 19.19
N VAL A 34 4.97 -15.50 18.11
CA VAL A 34 6.41 -15.71 18.22
C VAL A 34 7.09 -14.55 18.94
N ALA A 35 6.76 -13.33 18.54
CA ALA A 35 7.36 -12.15 19.15
C ALA A 35 7.02 -12.03 20.63
N ALA A 36 5.82 -12.46 21.00
CA ALA A 36 5.37 -12.38 22.39
C ALA A 36 6.12 -13.31 23.34
N ALA A 37 6.74 -14.36 22.81
CA ALA A 37 7.49 -15.25 23.69
C ALA A 37 8.70 -14.47 24.24
N GLU A 38 9.24 -13.55 23.44
CA GLU A 38 10.40 -12.76 23.85
C GLU A 38 10.05 -11.36 24.38
N ASN A 39 8.76 -11.02 24.39
CA ASN A 39 8.32 -9.72 24.89
C ASN A 39 6.90 -9.72 25.45
N PRO A 40 6.77 -9.63 26.79
CA PRO A 40 5.46 -9.62 27.47
C PRO A 40 4.53 -8.45 27.13
N ASN A 41 5.02 -7.48 26.36
CA ASN A 41 4.20 -6.34 25.98
C ASN A 41 3.36 -6.61 24.73
N VAL A 42 3.77 -7.62 23.95
CA VAL A 42 3.07 -7.97 22.72
C VAL A 42 1.77 -8.73 23.00
N GLU A 43 0.68 -8.29 22.40
CA GLU A 43 -0.60 -8.96 22.58
C GLU A 43 -0.73 -9.99 21.46
N VAL A 44 -0.86 -11.25 21.82
CA VAL A 44 -0.99 -12.29 20.80
C VAL A 44 -2.35 -12.20 20.15
N LYS A 45 -2.39 -12.52 18.86
CA LYS A 45 -3.62 -12.47 18.09
C LYS A 45 -3.85 -13.75 17.31
N ASP A 46 -5.02 -14.35 17.51
CA ASP A 46 -5.37 -15.56 16.78
C ASP A 46 -5.90 -15.14 15.40
N TYR A 47 -5.90 -16.11 14.50
CA TYR A 47 -6.38 -15.89 13.15
C TYR A 47 -7.74 -15.17 13.13
N GLY A 48 -8.67 -15.68 13.94
CA GLY A 48 -10.00 -15.11 14.01
C GLY A 48 -10.09 -13.73 14.64
N ASP A 49 -9.03 -13.29 15.29
CA ASP A 49 -8.99 -11.96 15.91
C ASP A 49 -8.51 -10.94 14.90
N ILE A 50 -7.94 -11.42 13.79
CA ILE A 50 -7.42 -10.53 12.75
C ILE A 50 -8.50 -10.46 11.66
N ASP A 51 -8.89 -11.62 11.12
CA ASP A 51 -10.01 -11.69 10.18
C ASP A 51 -11.21 -11.82 11.14
N LYS A 52 -11.56 -10.71 11.79
CA LYS A 52 -12.60 -10.70 12.80
C LYS A 52 -14.02 -10.34 12.42
N ALA A 53 -14.22 -9.81 11.23
CA ALA A 53 -15.56 -9.44 10.81
C ALA A 53 -16.37 -10.70 10.55
N PRO A 54 -17.67 -10.67 10.83
CA PRO A 54 -18.49 -11.85 10.60
C PRO A 54 -18.32 -12.47 9.20
N GLU A 55 -18.28 -11.61 8.18
CA GLU A 55 -18.14 -12.06 6.79
C GLU A 55 -16.76 -12.68 6.53
N GLU A 56 -15.73 -12.14 7.16
CA GLU A 56 -14.38 -12.67 7.00
C GLU A 56 -14.29 -14.05 7.62
N ARG A 57 -14.93 -14.22 8.78
CA ARG A 57 -14.94 -15.51 9.46
C ARG A 57 -15.76 -16.52 8.69
N ALA A 58 -16.87 -16.06 8.13
CA ALA A 58 -17.76 -16.94 7.38
C ALA A 58 -17.08 -17.59 6.19
N ARG A 59 -16.43 -16.79 5.35
CA ARG A 59 -15.80 -17.34 4.16
C ARG A 59 -14.28 -17.50 4.19
N GLY A 60 -13.66 -17.25 5.34
CA GLY A 60 -12.22 -17.38 5.46
C GLY A 60 -11.47 -16.51 4.47
N ILE A 61 -11.76 -15.21 4.52
CA ILE A 61 -11.16 -14.26 3.59
C ILE A 61 -10.96 -12.93 4.26
N THR A 62 -9.84 -12.26 3.94
CA THR A 62 -9.61 -10.94 4.49
C THR A 62 -10.34 -9.94 3.61
N ILE A 63 -11.13 -9.08 4.24
CA ILE A 63 -11.87 -8.05 3.52
C ILE A 63 -11.26 -6.70 3.87
N ASN A 64 -11.23 -6.39 5.16
CA ASN A 64 -10.67 -5.13 5.63
C ASN A 64 -9.21 -5.31 6.02
N THR A 65 -8.40 -4.27 5.84
CA THR A 65 -7.03 -4.38 6.28
C THR A 65 -7.10 -4.41 7.81
N ALA A 66 -6.21 -5.16 8.43
CA ALA A 66 -6.15 -5.22 9.89
C ALA A 66 -4.83 -4.62 10.32
N HIS A 67 -4.83 -3.97 11.46
CA HIS A 67 -3.63 -3.36 12.02
C HIS A 67 -3.27 -4.09 13.32
N VAL A 68 -2.09 -4.70 13.38
CA VAL A 68 -1.68 -5.38 14.60
C VAL A 68 -0.33 -4.85 15.02
N GLU A 69 -0.06 -4.88 16.32
CA GLU A 69 1.21 -4.40 16.84
C GLU A 69 2.04 -5.52 17.43
N TYR A 70 3.35 -5.44 17.22
CA TYR A 70 4.27 -6.38 17.85
C TYR A 70 5.62 -5.68 17.91
N GLU A 71 6.60 -6.32 18.51
CA GLU A 71 7.91 -5.69 18.62
C GLU A 71 9.01 -6.71 18.67
N THR A 72 10.20 -6.25 18.32
CA THR A 72 11.40 -7.07 18.33
C THR A 72 12.30 -6.40 19.36
N ALA A 73 13.54 -6.86 19.46
CA ALA A 73 14.46 -6.24 20.41
C ALA A 73 14.85 -4.86 19.92
N LYS A 74 14.68 -4.62 18.62
CA LYS A 74 15.06 -3.37 18.00
C LYS A 74 13.97 -2.33 17.75
N ARG A 75 12.75 -2.78 17.46
CA ARG A 75 11.69 -1.85 17.12
C ARG A 75 10.30 -2.25 17.54
N HIS A 76 9.41 -1.27 17.42
CA HIS A 76 7.99 -1.45 17.65
C HIS A 76 7.44 -1.44 16.22
N TYR A 77 6.68 -2.47 15.86
CA TYR A 77 6.11 -2.55 14.53
C TYR A 77 4.59 -2.42 14.51
N SER A 78 4.09 -1.68 13.52
CA SER A 78 2.65 -1.59 13.28
C SER A 78 2.57 -2.35 11.97
N HIS A 79 1.79 -3.42 11.97
CA HIS A 79 1.66 -4.32 10.84
C HIS A 79 0.28 -4.26 10.19
N VAL A 80 0.24 -3.93 8.90
CA VAL A 80 -1.03 -3.87 8.19
C VAL A 80 -1.20 -5.13 7.34
N ASP A 81 -2.15 -5.98 7.73
CA ASP A 81 -2.43 -7.22 7.01
C ASP A 81 -3.46 -6.92 5.92
N CYS A 82 -3.03 -7.04 4.67
CA CYS A 82 -3.88 -6.70 3.54
C CYS A 82 -4.61 -7.85 2.87
N PRO A 83 -5.77 -7.57 2.29
CA PRO A 83 -6.51 -8.63 1.61
C PRO A 83 -5.82 -8.94 0.28
N GLY A 84 -5.86 -10.21 -0.13
CA GLY A 84 -5.26 -10.58 -1.39
C GLY A 84 -6.29 -10.64 -2.51
N HIS A 85 -7.57 -10.71 -2.16
CA HIS A 85 -8.60 -10.82 -3.19
C HIS A 85 -8.72 -9.57 -4.05
N ALA A 86 -8.81 -9.79 -5.36
CA ALA A 86 -8.93 -8.71 -6.34
C ALA A 86 -10.06 -7.74 -6.02
N ASP A 87 -11.13 -8.23 -5.40
CA ASP A 87 -12.26 -7.36 -5.08
C ASP A 87 -11.91 -6.27 -4.07
N TYR A 88 -10.83 -6.49 -3.32
CA TYR A 88 -10.43 -5.55 -2.27
C TYR A 88 -9.11 -4.85 -2.52
N ILE A 89 -8.75 -4.70 -3.79
CA ILE A 89 -7.52 -4.02 -4.16
C ILE A 89 -7.43 -2.60 -3.57
N LYS A 90 -8.57 -1.92 -3.45
CA LYS A 90 -8.57 -0.58 -2.87
C LYS A 90 -8.05 -0.64 -1.44
N ASN A 91 -8.50 -1.63 -0.67
CA ASN A 91 -8.04 -1.75 0.71
C ASN A 91 -6.55 -2.13 0.76
N MET A 92 -6.09 -2.91 -0.20
CA MET A 92 -4.68 -3.29 -0.24
C MET A 92 -3.82 -2.05 -0.53
N ILE A 93 -4.22 -1.23 -1.50
CA ILE A 93 -3.48 -0.02 -1.83
C ILE A 93 -3.44 0.89 -0.59
N THR A 94 -4.57 1.03 0.09
CA THR A 94 -4.65 1.87 1.27
C THR A 94 -3.69 1.37 2.35
N GLY A 95 -3.58 0.04 2.47
CA GLY A 95 -2.68 -0.51 3.46
C GLY A 95 -1.23 -0.34 3.05
N ALA A 96 -0.94 -0.60 1.77
CA ALA A 96 0.43 -0.48 1.29
C ALA A 96 0.96 0.95 1.41
N ALA A 97 0.07 1.93 1.29
CA ALA A 97 0.47 3.34 1.41
C ALA A 97 0.98 3.68 2.80
N GLN A 98 0.77 2.78 3.76
CA GLN A 98 1.20 3.03 5.12
C GLN A 98 2.47 2.30 5.50
N MET A 99 2.95 1.43 4.61
CA MET A 99 4.12 0.60 4.88
C MET A 99 5.49 1.18 4.58
N ASP A 100 6.42 0.94 5.49
CA ASP A 100 7.81 1.35 5.31
C ASP A 100 8.55 0.19 4.65
N GLY A 101 7.93 -0.98 4.70
CA GLY A 101 8.46 -2.18 4.10
C GLY A 101 7.31 -3.17 4.05
N ALA A 102 7.34 -4.09 3.08
CA ALA A 102 6.28 -5.07 2.95
C ALA A 102 6.82 -6.48 2.98
N ILE A 103 6.01 -7.38 3.54
CA ILE A 103 6.33 -8.80 3.59
C ILE A 103 5.46 -9.42 2.50
N LEU A 104 6.11 -9.90 1.43
CA LEU A 104 5.41 -10.55 0.35
C LEU A 104 5.31 -12.03 0.70
N VAL A 105 4.08 -12.50 0.84
CA VAL A 105 3.83 -13.90 1.18
C VAL A 105 3.52 -14.66 -0.11
N VAL A 106 4.29 -15.71 -0.38
CA VAL A 106 4.11 -16.52 -1.58
C VAL A 106 4.00 -18.01 -1.21
N SER A 107 2.91 -18.65 -1.60
CA SER A 107 2.73 -20.07 -1.30
C SER A 107 3.72 -20.92 -2.11
N ALA A 108 4.46 -21.79 -1.42
CA ALA A 108 5.43 -22.66 -2.08
C ALA A 108 4.72 -23.71 -2.90
N ALA A 109 3.49 -24.06 -2.49
CA ALA A 109 2.72 -25.07 -3.19
C ALA A 109 2.12 -24.57 -4.50
N ASP A 110 1.90 -23.25 -4.60
CA ASP A 110 1.30 -22.67 -5.79
C ASP A 110 2.24 -21.81 -6.63
N GLY A 111 3.27 -21.27 -6.01
CA GLY A 111 4.21 -20.41 -6.71
C GLY A 111 3.57 -19.05 -6.93
N PRO A 112 4.29 -18.11 -7.58
CA PRO A 112 3.75 -16.78 -7.85
C PRO A 112 2.47 -16.86 -8.66
N MET A 113 1.51 -16.02 -8.31
CA MET A 113 0.23 -15.95 -8.99
C MET A 113 -0.02 -14.49 -9.38
N PRO A 114 -1.11 -14.21 -10.10
CA PRO A 114 -1.35 -12.82 -10.51
C PRO A 114 -1.18 -11.72 -9.48
N GLN A 115 -1.73 -11.87 -8.27
CA GLN A 115 -1.57 -10.79 -7.29
C GLN A 115 -0.21 -10.80 -6.60
N THR A 116 0.55 -11.88 -6.78
CA THR A 116 1.92 -11.88 -6.25
C THR A 116 2.61 -10.78 -7.07
N ARG A 117 2.36 -10.82 -8.39
CA ARG A 117 2.97 -9.85 -9.30
C ARG A 117 2.36 -8.47 -9.17
N GLU A 118 1.03 -8.41 -9.22
CA GLU A 118 0.35 -7.13 -9.12
C GLU A 118 0.66 -6.41 -7.81
N HIS A 119 0.72 -7.12 -6.69
CA HIS A 119 1.02 -6.46 -5.43
C HIS A 119 2.41 -5.87 -5.37
N ILE A 120 3.38 -6.52 -6.00
CA ILE A 120 4.74 -5.96 -6.00
C ILE A 120 4.73 -4.68 -6.83
N LEU A 121 4.12 -4.74 -8.02
CA LEU A 121 4.07 -3.56 -8.88
C LEU A 121 3.34 -2.42 -8.18
N LEU A 122 2.22 -2.71 -7.54
CA LEU A 122 1.47 -1.65 -6.86
C LEU A 122 2.19 -1.14 -5.61
N ALA A 123 2.88 -2.03 -4.89
CA ALA A 123 3.62 -1.59 -3.72
C ALA A 123 4.65 -0.56 -4.19
N ARG A 124 5.28 -0.82 -5.32
CA ARG A 124 6.26 0.12 -5.85
C ARG A 124 5.58 1.44 -6.21
N GLN A 125 4.42 1.35 -6.86
CA GLN A 125 3.69 2.55 -7.26
C GLN A 125 3.32 3.45 -6.08
N VAL A 126 3.04 2.86 -4.93
CA VAL A 126 2.68 3.66 -3.76
C VAL A 126 3.88 4.07 -2.91
N GLY A 127 5.08 3.68 -3.34
CA GLY A 127 6.27 4.06 -2.62
C GLY A 127 6.86 3.13 -1.59
N VAL A 128 6.48 1.86 -1.57
CA VAL A 128 7.06 0.93 -0.61
C VAL A 128 8.50 0.73 -1.10
N PRO A 129 9.49 1.10 -0.26
CA PRO A 129 10.89 0.97 -0.65
C PRO A 129 11.58 -0.38 -0.53
N TYR A 130 11.07 -1.25 0.33
CA TYR A 130 11.68 -2.55 0.49
C TYR A 130 10.68 -3.68 0.69
N ILE A 131 11.03 -4.84 0.14
CA ILE A 131 10.21 -6.03 0.26
C ILE A 131 11.05 -7.19 0.79
N VAL A 132 10.47 -7.93 1.74
CA VAL A 132 11.09 -9.13 2.31
C VAL A 132 10.11 -10.23 1.90
N VAL A 133 10.61 -11.41 1.58
CA VAL A 133 9.74 -12.49 1.15
C VAL A 133 9.60 -13.63 2.13
N PHE A 134 8.36 -14.07 2.34
CA PHE A 134 8.14 -15.24 3.16
C PHE A 134 7.47 -16.27 2.26
N MET A 135 8.23 -17.32 1.92
CA MET A 135 7.71 -18.40 1.10
C MET A 135 7.02 -19.31 2.10
N ASN A 136 5.70 -19.32 2.02
CA ASN A 136 4.83 -20.05 2.93
C ASN A 136 4.38 -21.43 2.47
N LYS A 137 3.79 -22.18 3.40
CA LYS A 137 3.26 -23.52 3.12
C LYS A 137 4.31 -24.53 2.68
N VAL A 138 5.56 -24.35 3.09
CA VAL A 138 6.58 -25.31 2.68
C VAL A 138 6.29 -26.68 3.31
N ASP A 139 5.44 -26.71 4.33
CA ASP A 139 5.08 -27.97 5.00
C ASP A 139 4.30 -28.86 4.03
N MET A 140 3.82 -28.26 2.93
CA MET A 140 3.06 -28.99 1.94
C MET A 140 3.88 -29.44 0.74
N VAL A 141 5.16 -29.05 0.73
CA VAL A 141 6.05 -29.39 -0.37
C VAL A 141 7.21 -30.27 0.09
N ASP A 142 7.30 -31.48 -0.46
CA ASP A 142 8.36 -32.42 -0.09
C ASP A 142 9.49 -32.42 -1.11
N ASP A 143 9.33 -31.66 -2.19
CA ASP A 143 10.33 -31.59 -3.25
C ASP A 143 11.21 -30.34 -3.18
N PRO A 144 12.46 -30.49 -2.73
CA PRO A 144 13.41 -29.37 -2.60
C PRO A 144 13.65 -28.62 -3.91
N GLU A 145 13.47 -29.31 -5.03
CA GLU A 145 13.66 -28.70 -6.35
C GLU A 145 12.60 -27.64 -6.59
N LEU A 146 11.37 -27.95 -6.19
CA LEU A 146 10.26 -27.03 -6.38
C LEU A 146 10.47 -25.77 -5.53
N LEU A 147 10.99 -25.93 -4.32
CA LEU A 147 11.23 -24.79 -3.44
C LEU A 147 12.27 -23.86 -4.07
N ASP A 148 13.32 -24.44 -4.65
CA ASP A 148 14.35 -23.63 -5.31
C ASP A 148 13.76 -22.87 -6.49
N LEU A 149 12.89 -23.54 -7.23
CA LEU A 149 12.25 -22.93 -8.38
C LEU A 149 11.38 -21.75 -7.96
N VAL A 150 10.53 -21.97 -6.95
CA VAL A 150 9.67 -20.90 -6.48
C VAL A 150 10.50 -19.70 -6.02
N GLU A 151 11.60 -19.95 -5.31
CA GLU A 151 12.44 -18.83 -4.87
C GLU A 151 13.01 -18.09 -6.07
N MET A 152 13.48 -18.84 -7.07
CA MET A 152 14.03 -18.21 -8.26
C MET A 152 12.97 -17.37 -8.96
N GLU A 153 11.77 -17.92 -9.08
CA GLU A 153 10.68 -17.20 -9.74
C GLU A 153 10.33 -15.91 -8.99
N VAL A 154 10.35 -15.96 -7.67
CA VAL A 154 10.03 -14.76 -6.89
C VAL A 154 11.15 -13.73 -7.00
N ARG A 155 12.40 -14.17 -6.92
CA ARG A 155 13.51 -13.22 -7.06
C ARG A 155 13.45 -12.61 -8.46
N ASP A 156 13.09 -13.40 -9.47
CA ASP A 156 12.98 -12.86 -10.83
C ASP A 156 11.89 -11.79 -10.90
N LEU A 157 10.74 -12.06 -10.30
CA LEU A 157 9.64 -11.10 -10.29
C LEU A 157 10.06 -9.79 -9.64
N LEU A 158 10.71 -9.89 -8.49
CA LEU A 158 11.16 -8.70 -7.79
C LEU A 158 12.10 -7.90 -8.68
N ASN A 159 13.03 -8.59 -9.33
CA ASN A 159 13.99 -7.92 -10.22
C ASN A 159 13.24 -7.24 -11.35
N GLN A 160 12.26 -7.93 -11.91
CA GLN A 160 11.47 -7.38 -13.02
C GLN A 160 10.79 -6.08 -12.64
N TYR A 161 10.33 -5.96 -11.39
CA TYR A 161 9.65 -4.76 -10.93
C TYR A 161 10.55 -3.72 -10.26
N GLU A 162 11.86 -3.89 -10.47
CA GLU A 162 12.89 -2.96 -9.98
C GLU A 162 13.27 -3.00 -8.51
N PHE A 163 12.98 -4.13 -7.86
CA PHE A 163 13.40 -4.31 -6.48
C PHE A 163 14.67 -5.16 -6.56
N PRO A 164 15.51 -5.11 -5.52
CA PRO A 164 16.75 -5.89 -5.52
C PRO A 164 16.50 -7.37 -5.26
N GLY A 165 15.90 -8.03 -6.24
CA GLY A 165 15.55 -9.44 -6.13
C GLY A 165 16.62 -10.42 -5.69
N ASP A 166 17.88 -10.15 -6.03
CA ASP A 166 18.95 -11.06 -5.63
C ASP A 166 19.46 -10.76 -4.24
N GLU A 167 19.04 -9.63 -3.67
CA GLU A 167 19.49 -9.23 -2.33
C GLU A 167 18.46 -9.52 -1.24
N VAL A 168 17.19 -9.38 -1.56
CA VAL A 168 16.14 -9.58 -0.57
C VAL A 168 16.15 -10.93 0.13
N PRO A 169 15.76 -10.92 1.41
CA PRO A 169 15.72 -12.17 2.16
C PRO A 169 14.50 -12.95 1.69
N VAL A 170 14.67 -14.25 1.46
CA VAL A 170 13.56 -15.11 1.08
C VAL A 170 13.54 -16.19 2.15
N ILE A 171 12.60 -16.10 3.06
CA ILE A 171 12.48 -17.05 4.16
C ILE A 171 11.50 -18.16 3.80
N ARG A 172 11.93 -19.41 3.95
CA ARG A 172 11.09 -20.54 3.64
C ARG A 172 10.52 -21.11 4.93
N GLY A 173 9.20 -21.08 5.06
CA GLY A 173 8.61 -21.59 6.28
C GLY A 173 7.15 -21.95 6.20
N SER A 174 6.55 -22.12 7.37
CA SER A 174 5.15 -22.47 7.49
C SER A 174 4.50 -21.62 8.59
N ALA A 175 3.67 -20.68 8.17
CA ALA A 175 2.97 -19.84 9.13
C ALA A 175 2.06 -20.71 10.00
N LEU A 176 1.42 -21.71 9.38
CA LEU A 176 0.52 -22.57 10.12
C LEU A 176 1.22 -23.42 11.17
N LEU A 177 2.31 -24.10 10.81
CA LEU A 177 2.99 -24.93 11.80
C LEU A 177 3.63 -24.09 12.89
N ALA A 178 4.06 -22.88 12.58
CA ALA A 178 4.64 -22.02 13.61
C ALA A 178 3.53 -21.61 14.58
N LEU A 179 2.38 -21.20 14.04
CA LEU A 179 1.26 -20.81 14.88
C LEU A 179 0.78 -21.97 15.76
N GLU A 180 0.70 -23.17 15.18
CA GLU A 180 0.29 -24.35 15.95
C GLU A 180 1.29 -24.64 17.07
N GLN A 181 2.57 -24.45 16.82
CA GLN A 181 3.58 -24.68 17.86
C GLN A 181 3.43 -23.65 18.97
N MET A 182 3.16 -22.39 18.63
CA MET A 182 2.99 -21.37 19.66
C MET A 182 1.72 -21.60 20.48
N HIS A 183 0.69 -22.19 19.88
CA HIS A 183 -0.53 -22.48 20.63
C HIS A 183 -0.23 -23.60 21.62
N ARG A 184 0.58 -24.57 21.20
CA ARG A 184 0.94 -25.68 22.08
C ARG A 184 1.89 -25.23 23.19
N ASN A 185 2.82 -24.32 22.85
CA ASN A 185 3.80 -23.80 23.81
C ASN A 185 4.01 -22.33 23.51
N PRO A 186 3.29 -21.46 24.21
CA PRO A 186 3.41 -20.02 23.98
C PRO A 186 4.75 -19.43 24.39
N LYS A 187 5.59 -20.23 25.04
CA LYS A 187 6.90 -19.77 25.46
C LYS A 187 8.03 -20.34 24.61
N THR A 188 7.71 -20.96 23.48
CA THR A 188 8.73 -21.52 22.59
C THR A 188 9.73 -20.42 22.29
N ARG A 189 11.01 -20.69 22.49
CA ARG A 189 12.00 -19.67 22.25
C ARG A 189 12.90 -19.98 21.07
N ARG A 190 13.66 -18.97 20.67
CA ARG A 190 14.62 -19.09 19.58
C ARG A 190 15.47 -20.35 19.74
N GLY A 191 15.61 -21.07 18.63
CA GLY A 191 16.42 -22.28 18.58
C GLY A 191 15.70 -23.57 18.88
N GLU A 192 14.54 -23.50 19.52
CA GLU A 192 13.83 -24.70 19.92
C GLU A 192 12.97 -25.43 18.91
N ASN A 193 12.45 -24.70 17.92
CA ASN A 193 11.55 -25.31 16.95
C ASN A 193 11.87 -24.78 15.56
N GLU A 194 11.92 -25.67 14.58
CA GLU A 194 12.26 -25.24 13.24
C GLU A 194 11.30 -24.23 12.62
N TRP A 195 9.99 -24.39 12.85
CA TRP A 195 9.04 -23.48 12.24
C TRP A 195 9.04 -22.12 12.93
N VAL A 196 9.14 -22.14 14.26
CA VAL A 196 9.19 -20.89 14.99
C VAL A 196 10.47 -20.16 14.62
N ASP A 197 11.58 -20.89 14.44
CA ASP A 197 12.83 -20.23 14.06
C ASP A 197 12.72 -19.56 12.68
N LYS A 198 11.89 -20.09 11.78
CA LYS A 198 11.71 -19.43 10.48
C LYS A 198 10.97 -18.09 10.70
N ILE A 199 10.07 -18.03 11.68
CA ILE A 199 9.40 -16.77 11.96
C ILE A 199 10.43 -15.80 12.52
N TRP A 200 11.38 -16.30 13.34
CA TRP A 200 12.44 -15.42 13.85
C TRP A 200 13.32 -14.95 12.70
N GLU A 201 13.53 -15.79 11.68
CA GLU A 201 14.31 -15.35 10.52
C GLU A 201 13.60 -14.15 9.90
N LEU A 202 12.28 -14.21 9.84
CA LEU A 202 11.50 -13.12 9.26
C LEU A 202 11.56 -11.85 10.12
N LEU A 203 11.40 -11.98 11.44
CA LEU A 203 11.47 -10.83 12.33
C LEU A 203 12.86 -10.20 12.28
N ASP A 204 13.89 -11.04 12.24
CA ASP A 204 15.24 -10.51 12.16
C ASP A 204 15.46 -9.85 10.80
N ALA A 205 14.84 -10.39 9.75
CA ALA A 205 14.98 -9.83 8.41
C ALA A 205 14.32 -8.45 8.32
N ILE A 206 13.13 -8.27 8.89
CA ILE A 206 12.54 -6.95 8.78
C ILE A 206 13.36 -5.95 9.60
N ASP A 207 13.91 -6.40 10.72
CA ASP A 207 14.77 -5.55 11.55
C ASP A 207 15.99 -5.08 10.76
N GLU A 208 16.62 -5.97 9.99
CA GLU A 208 17.83 -5.57 9.29
C GLU A 208 17.74 -5.11 7.84
N TYR A 209 16.65 -5.46 7.15
CA TYR A 209 16.50 -5.07 5.76
C TYR A 209 15.59 -3.88 5.52
N ILE A 210 14.60 -3.68 6.39
CA ILE A 210 13.71 -2.52 6.22
C ILE A 210 14.38 -1.37 6.93
N PRO A 211 14.80 -0.36 6.17
CA PRO A 211 15.47 0.81 6.75
C PRO A 211 14.59 1.59 7.71
N THR A 212 15.20 2.18 8.73
CA THR A 212 14.46 3.00 9.69
C THR A 212 13.98 4.15 8.83
N PRO A 213 12.66 4.37 8.79
CA PRO A 213 12.10 5.45 7.98
C PRO A 213 12.40 6.87 8.43
N VAL A 214 12.45 7.76 7.44
CA VAL A 214 12.67 9.17 7.65
C VAL A 214 11.42 9.81 7.06
N ARG A 215 10.61 10.44 7.92
CA ARG A 215 9.38 11.07 7.46
C ARG A 215 9.72 12.21 6.51
N ASP A 216 8.96 12.30 5.42
CA ASP A 216 9.21 13.29 4.37
C ASP A 216 8.68 14.69 4.71
N VAL A 217 9.23 15.27 5.76
CA VAL A 217 8.78 16.57 6.25
C VAL A 217 9.45 17.80 5.66
N ASP A 218 10.57 17.64 4.96
CA ASP A 218 11.27 18.79 4.39
C ASP A 218 10.75 19.11 2.99
N LYS A 219 9.45 19.38 2.94
CA LYS A 219 8.73 19.64 1.71
C LYS A 219 7.46 20.44 1.99
N PRO A 220 6.86 21.03 0.95
CA PRO A 220 5.62 21.77 1.16
C PRO A 220 4.54 20.74 1.50
N PHE A 221 3.66 21.10 2.40
CA PHE A 221 2.59 20.23 2.87
C PHE A 221 1.63 19.72 1.79
N LEU A 222 1.31 18.44 1.86
CA LEU A 222 0.28 17.85 0.99
C LEU A 222 -0.30 16.62 1.68
N MET A 223 -1.63 16.58 1.71
CA MET A 223 -2.36 15.44 2.25
C MET A 223 -3.54 15.08 1.34
N PRO A 224 -3.57 13.85 0.81
CA PRO A 224 -4.70 13.47 -0.06
C PRO A 224 -5.92 13.30 0.85
N VAL A 225 -7.07 13.73 0.39
CA VAL A 225 -8.28 13.58 1.20
C VAL A 225 -8.82 12.16 1.05
N GLU A 226 -8.81 11.43 2.17
CA GLU A 226 -9.32 10.06 2.20
C GLU A 226 -10.83 10.02 2.34
N ASP A 227 -11.36 10.82 3.26
CA ASP A 227 -12.80 10.88 3.51
C ASP A 227 -13.07 12.22 4.18
N VAL A 228 -14.35 12.57 4.30
CA VAL A 228 -14.76 13.83 4.91
C VAL A 228 -15.94 13.58 5.84
N PHE A 229 -15.89 14.23 7.00
CA PHE A 229 -16.93 14.07 8.02
C PHE A 229 -17.35 15.42 8.56
N THR A 230 -18.60 15.51 9.01
CA THR A 230 -19.07 16.75 9.61
C THR A 230 -19.34 16.42 11.08
N ILE A 231 -18.49 16.93 11.95
CA ILE A 231 -18.64 16.70 13.38
C ILE A 231 -19.54 17.78 13.95
N THR A 232 -20.69 17.37 14.46
CA THR A 232 -21.66 18.29 15.04
C THR A 232 -20.99 19.32 15.95
N GLY A 233 -21.16 20.60 15.61
CA GLY A 233 -20.55 21.65 16.41
C GLY A 233 -19.12 22.00 16.05
N ARG A 234 -18.29 20.99 15.82
CA ARG A 234 -16.88 21.23 15.48
C ARG A 234 -16.66 21.71 14.06
N GLY A 235 -17.30 21.06 13.09
CA GLY A 235 -17.14 21.45 11.70
C GLY A 235 -16.75 20.33 10.77
N THR A 236 -16.20 20.71 9.61
CA THR A 236 -15.81 19.75 8.58
C THR A 236 -14.42 19.21 8.81
N VAL A 237 -14.32 17.88 8.84
CA VAL A 237 -13.04 17.23 9.05
C VAL A 237 -12.67 16.37 7.84
N ALA A 238 -11.49 16.64 7.30
CA ALA A 238 -10.97 15.87 6.18
C ALA A 238 -9.90 14.93 6.73
N THR A 239 -10.06 13.64 6.50
CA THR A 239 -9.06 12.70 6.98
C THR A 239 -8.09 12.34 5.85
N GLY A 240 -6.92 11.86 6.23
CA GLY A 240 -5.93 11.45 5.25
C GLY A 240 -4.62 11.15 5.92
N ARG A 241 -3.68 10.64 5.13
CA ARG A 241 -2.34 10.40 5.64
C ARG A 241 -1.50 11.52 5.03
N ILE A 242 -0.86 12.33 5.86
CA ILE A 242 -0.04 13.41 5.32
C ILE A 242 1.07 12.77 4.48
N GLU A 243 1.15 13.17 3.21
CA GLU A 243 2.13 12.61 2.31
C GLU A 243 3.50 13.25 2.45
N ARG A 244 3.52 14.56 2.69
CA ARG A 244 4.78 15.28 2.82
C ARG A 244 4.56 16.56 3.58
N GLY A 245 5.63 17.07 4.17
CA GLY A 245 5.53 18.31 4.91
C GLY A 245 4.85 18.18 6.26
N LYS A 246 4.37 19.32 6.76
CA LYS A 246 3.70 19.39 8.06
C LYS A 246 2.56 20.39 7.98
N VAL A 247 1.60 20.24 8.87
CA VAL A 247 0.47 21.15 8.93
C VAL A 247 0.24 21.49 10.40
N LYS A 248 0.04 22.77 10.67
CA LYS A 248 -0.19 23.25 12.03
C LYS A 248 -1.51 24.02 12.09
N VAL A 249 -2.13 24.05 13.26
CA VAL A 249 -3.35 24.80 13.44
C VAL A 249 -3.02 26.25 13.09
N GLY A 250 -3.89 26.88 12.30
CA GLY A 250 -3.66 28.24 11.87
C GLY A 250 -3.08 28.35 10.47
N ASP A 251 -2.59 27.24 9.93
CA ASP A 251 -2.01 27.25 8.59
C ASP A 251 -3.07 27.45 7.51
N GLU A 252 -2.75 28.27 6.52
CA GLU A 252 -3.65 28.44 5.39
C GLU A 252 -3.36 27.26 4.47
N VAL A 253 -4.40 26.67 3.88
CA VAL A 253 -4.22 25.56 2.96
C VAL A 253 -5.18 25.71 1.79
N GLU A 254 -4.83 25.09 0.67
CA GLU A 254 -5.68 25.07 -0.51
C GLU A 254 -6.24 23.67 -0.68
N ILE A 255 -7.47 23.60 -1.18
CA ILE A 255 -8.16 22.35 -1.48
C ILE A 255 -8.07 22.32 -3.00
N VAL A 256 -7.33 21.35 -3.52
CA VAL A 256 -7.05 21.28 -4.96
C VAL A 256 -7.57 20.05 -5.66
N GLY A 257 -8.18 20.27 -6.82
CA GLY A 257 -8.70 19.20 -7.66
C GLY A 257 -10.20 19.06 -7.70
N LEU A 258 -10.66 18.42 -8.78
CA LEU A 258 -12.07 18.08 -9.04
C LEU A 258 -13.06 19.20 -9.21
N ALA A 259 -13.07 20.16 -8.27
CA ALA A 259 -13.97 21.30 -8.30
C ALA A 259 -13.57 22.25 -9.43
N PRO A 260 -14.44 23.21 -9.79
CA PRO A 260 -14.12 24.14 -10.87
C PRO A 260 -12.93 25.04 -10.58
N GLU A 261 -12.65 25.27 -9.30
CA GLU A 261 -11.52 26.11 -8.93
C GLU A 261 -10.96 25.67 -7.59
N THR A 262 -9.72 26.04 -7.34
CA THR A 262 -9.09 25.75 -6.08
C THR A 262 -9.76 26.62 -5.02
N ARG A 263 -9.89 26.10 -3.80
CA ARG A 263 -10.51 26.83 -2.71
C ARG A 263 -9.50 26.96 -1.57
N LYS A 264 -9.54 28.07 -0.84
CA LYS A 264 -8.64 28.28 0.28
C LYS A 264 -9.40 28.22 1.60
N THR A 265 -8.72 27.78 2.65
CA THR A 265 -9.29 27.70 3.98
C THR A 265 -8.14 27.76 4.98
N VAL A 266 -8.46 27.61 6.26
CA VAL A 266 -7.46 27.63 7.32
C VAL A 266 -7.67 26.40 8.18
N VAL A 267 -6.58 25.79 8.61
CA VAL A 267 -6.68 24.60 9.46
C VAL A 267 -6.99 25.07 10.88
N THR A 268 -8.07 24.56 11.47
CA THR A 268 -8.44 24.96 12.81
C THR A 268 -8.27 23.85 13.83
N GLY A 269 -7.85 22.68 13.36
CA GLY A 269 -7.63 21.59 14.28
C GLY A 269 -7.00 20.39 13.60
N VAL A 270 -6.24 19.63 14.37
CA VAL A 270 -5.60 18.42 13.88
C VAL A 270 -5.77 17.36 14.96
N GLU A 271 -6.32 16.21 14.58
CA GLU A 271 -6.51 15.15 15.55
C GLU A 271 -6.10 13.81 14.99
N MET A 272 -5.71 12.91 15.90
CA MET A 272 -5.31 11.55 15.56
C MET A 272 -5.96 10.67 16.61
N HIS A 273 -6.95 9.89 16.18
CA HIS A 273 -7.70 9.02 17.07
C HIS A 273 -8.37 9.92 18.09
N ARG A 274 -8.06 9.72 19.37
CA ARG A 274 -8.65 10.57 20.40
C ARG A 274 -7.63 11.51 21.01
N LYS A 275 -6.73 12.00 20.16
CA LYS A 275 -5.68 12.91 20.60
C LYS A 275 -5.77 14.23 19.83
N THR A 276 -5.72 15.33 20.55
CA THR A 276 -5.75 16.66 19.93
C THR A 276 -4.32 17.14 19.74
N LEU A 277 -3.95 17.42 18.50
CA LEU A 277 -2.61 17.86 18.18
C LEU A 277 -2.62 19.29 17.64
N GLN A 278 -1.47 19.95 17.67
CA GLN A 278 -1.36 21.31 17.15
C GLN A 278 -0.69 21.21 15.79
N GLU A 279 -0.15 20.04 15.49
CA GLU A 279 0.52 19.83 14.22
C GLU A 279 0.57 18.36 13.82
N GLY A 280 0.53 18.11 12.51
CA GLY A 280 0.60 16.77 11.98
C GLY A 280 1.75 16.77 11.00
N ILE A 281 2.45 15.65 10.90
CA ILE A 281 3.57 15.56 9.98
C ILE A 281 3.46 14.37 9.03
N ALA A 282 4.25 14.43 7.97
CA ALA A 282 4.29 13.39 6.94
C ALA A 282 4.30 12.02 7.62
N GLY A 283 3.39 11.15 7.18
CA GLY A 283 3.28 9.81 7.74
C GLY A 283 2.17 9.66 8.77
N ASP A 284 1.60 10.78 9.22
CA ASP A 284 0.53 10.73 10.22
C ASP A 284 -0.84 10.58 9.56
N ASN A 285 -1.67 9.69 10.12
CA ASN A 285 -3.04 9.53 9.65
C ASN A 285 -3.79 10.50 10.56
N VAL A 286 -4.33 11.56 10.00
CA VAL A 286 -5.00 12.58 10.78
C VAL A 286 -6.37 13.01 10.27
N GLY A 287 -7.05 13.74 11.15
CA GLY A 287 -8.32 14.34 10.81
C GLY A 287 -8.01 15.83 10.88
N VAL A 288 -8.19 16.54 9.77
CA VAL A 288 -7.90 17.98 9.72
C VAL A 288 -9.18 18.77 9.68
N LEU A 289 -9.40 19.58 10.72
CA LEU A 289 -10.61 20.41 10.79
C LEU A 289 -10.34 21.66 9.95
N LEU A 290 -11.26 21.98 9.05
CA LEU A 290 -11.09 23.13 8.15
C LEU A 290 -12.11 24.24 8.37
N ARG A 291 -11.65 25.48 8.38
CA ARG A 291 -12.53 26.61 8.60
C ARG A 291 -13.52 26.89 7.47
N GLY A 292 -14.76 27.15 7.86
CA GLY A 292 -15.82 27.51 6.92
C GLY A 292 -16.39 26.52 5.94
N VAL A 293 -15.53 25.79 5.23
CA VAL A 293 -16.01 24.84 4.23
C VAL A 293 -16.90 23.72 4.78
N SER A 294 -17.78 23.22 3.92
CA SER A 294 -18.69 22.13 4.27
C SER A 294 -18.30 20.91 3.46
N ARG A 295 -19.07 19.83 3.56
CA ARG A 295 -18.73 18.64 2.79
C ARG A 295 -18.94 18.89 1.30
N GLU A 296 -19.60 20.00 0.97
CA GLU A 296 -19.84 20.33 -0.42
C GLU A 296 -18.60 21.02 -1.01
N GLU A 297 -17.60 21.31 -0.18
CA GLU A 297 -16.39 21.96 -0.66
C GLU A 297 -15.11 21.15 -0.49
N VAL A 298 -15.21 20.01 0.18
CA VAL A 298 -14.04 19.15 0.36
C VAL A 298 -14.53 17.71 0.21
N GLU A 299 -13.81 16.92 -0.59
CA GLU A 299 -14.21 15.55 -0.85
C GLU A 299 -13.04 14.64 -1.20
N ARG A 300 -13.27 13.34 -1.11
CA ARG A 300 -12.27 12.35 -1.45
C ARG A 300 -11.80 12.63 -2.88
N GLY A 301 -10.49 12.58 -3.09
CA GLY A 301 -9.97 12.82 -4.42
C GLY A 301 -9.34 14.19 -4.59
N GLN A 302 -9.62 15.08 -3.65
CA GLN A 302 -8.97 16.38 -3.65
C GLN A 302 -7.78 16.22 -2.71
N VAL A 303 -6.88 17.20 -2.74
CA VAL A 303 -5.76 17.20 -1.80
C VAL A 303 -5.78 18.52 -1.05
N LEU A 304 -5.21 18.51 0.16
CA LEU A 304 -5.03 19.74 0.93
C LEU A 304 -3.54 20.01 0.72
N ALA A 305 -3.16 21.26 0.47
CA ALA A 305 -1.76 21.55 0.24
C ALA A 305 -1.37 22.98 0.59
N LYS A 306 -0.07 23.16 0.82
CA LYS A 306 0.48 24.49 1.07
C LYS A 306 0.02 25.32 -0.13
N PRO A 307 -0.57 26.50 0.12
CA PRO A 307 -1.04 27.32 -1.01
C PRO A 307 0.03 27.58 -2.07
N GLY A 308 -0.37 27.42 -3.33
CA GLY A 308 0.52 27.66 -4.45
C GLY A 308 1.49 26.53 -4.78
N SER A 309 1.51 25.48 -3.97
CA SER A 309 2.48 24.40 -4.19
C SER A 309 2.08 23.32 -5.20
N ILE A 310 0.79 23.19 -5.47
CA ILE A 310 0.35 22.23 -6.48
C ILE A 310 -0.89 22.85 -7.13
N THR A 311 -1.06 22.63 -8.42
CA THR A 311 -2.17 23.20 -9.16
C THR A 311 -2.99 22.12 -9.87
N PRO A 312 -4.24 22.45 -10.20
CA PRO A 312 -5.14 21.52 -10.89
C PRO A 312 -4.88 21.48 -12.39
N HIS A 313 -4.89 20.28 -12.95
CA HIS A 313 -4.64 20.12 -14.37
C HIS A 313 -5.48 19.01 -14.95
N THR A 314 -5.66 19.05 -16.27
CA THR A 314 -6.42 18.02 -16.96
C THR A 314 -5.62 17.32 -18.06
N LYS A 315 -4.51 17.90 -18.51
CA LYS A 315 -3.75 17.30 -19.59
C LYS A 315 -2.29 17.10 -19.22
N PHE A 316 -1.80 15.88 -19.44
CA PHE A 316 -0.43 15.54 -19.10
C PHE A 316 0.15 14.42 -19.96
N GLU A 317 1.47 14.31 -19.90
CA GLU A 317 2.18 13.24 -20.58
C GLU A 317 2.65 12.31 -19.46
N ALA A 318 2.75 11.02 -19.77
CA ALA A 318 3.18 10.05 -18.77
C ALA A 318 3.95 8.89 -19.36
N SER A 319 4.79 8.29 -18.52
CA SER A 319 5.54 7.09 -18.87
C SER A 319 4.70 6.01 -18.19
N VAL A 320 4.28 5.01 -18.96
CA VAL A 320 3.42 3.96 -18.47
C VAL A 320 3.88 2.55 -18.81
N TYR A 321 3.77 1.66 -17.83
CA TYR A 321 4.07 0.25 -18.05
C TYR A 321 2.69 -0.39 -18.28
N VAL A 322 2.54 -1.08 -19.40
CA VAL A 322 1.27 -1.72 -19.73
C VAL A 322 1.32 -3.16 -19.20
N LEU A 323 0.42 -3.47 -18.26
CA LEU A 323 0.42 -4.79 -17.63
C LEU A 323 -0.06 -5.95 -18.47
N LYS A 324 0.60 -7.09 -18.29
CA LYS A 324 0.23 -8.32 -18.98
C LYS A 324 -0.88 -8.99 -18.17
N LYS A 325 -1.57 -9.94 -18.78
CA LYS A 325 -2.65 -10.65 -18.12
C LYS A 325 -2.20 -11.28 -16.78
N GLU A 326 -1.06 -11.94 -16.80
CA GLU A 326 -0.53 -12.62 -15.62
C GLU A 326 -0.16 -11.68 -14.47
N GLU A 327 -0.15 -10.38 -14.73
CA GLU A 327 0.20 -9.38 -13.72
C GLU A 327 -1.04 -8.62 -13.25
N GLY A 328 -2.20 -8.99 -13.78
CA GLY A 328 -3.43 -8.32 -13.42
C GLY A 328 -4.00 -7.47 -14.54
N GLY A 329 -3.29 -7.45 -15.68
CA GLY A 329 -3.71 -6.65 -16.81
C GLY A 329 -4.48 -7.44 -17.86
N ARG A 330 -4.22 -7.13 -19.12
CA ARG A 330 -4.88 -7.81 -20.25
C ARG A 330 -3.86 -8.28 -21.26
N HIS A 331 -4.31 -9.14 -22.17
CA HIS A 331 -3.47 -9.69 -23.22
C HIS A 331 -3.38 -8.72 -24.39
N THR A 332 -4.44 -7.93 -24.58
CA THR A 332 -4.50 -6.96 -25.66
C THR A 332 -4.06 -5.58 -25.20
N GLY A 333 -3.51 -4.80 -26.14
CA GLY A 333 -3.08 -3.45 -25.83
C GLY A 333 -4.19 -2.46 -26.13
N PHE A 334 -3.86 -1.19 -26.22
CA PHE A 334 -4.88 -0.19 -26.51
C PHE A 334 -4.41 0.91 -27.45
N PHE A 335 -5.38 1.69 -27.94
CA PHE A 335 -5.17 2.74 -28.92
C PHE A 335 -5.56 4.13 -28.42
N SER A 336 -5.29 5.14 -29.26
CA SER A 336 -5.70 6.50 -28.96
C SER A 336 -7.23 6.43 -28.88
N GLY A 337 -7.82 7.19 -27.95
CA GLY A 337 -9.26 7.18 -27.79
C GLY A 337 -9.72 6.30 -26.62
N TYR A 338 -8.83 5.46 -26.12
CA TYR A 338 -9.11 4.58 -24.98
C TYR A 338 -9.53 5.49 -23.82
N ARG A 339 -10.58 5.09 -23.11
CA ARG A 339 -11.14 5.89 -22.03
C ARG A 339 -11.22 5.15 -20.69
N PRO A 340 -10.07 4.84 -20.09
CA PRO A 340 -10.02 4.13 -18.82
C PRO A 340 -10.10 5.06 -17.62
N GLN A 341 -10.06 4.46 -16.43
CA GLN A 341 -10.06 5.24 -15.20
C GLN A 341 -8.62 5.41 -14.73
N PHE A 342 -8.31 6.62 -14.27
CA PHE A 342 -6.99 6.95 -13.75
C PHE A 342 -7.10 7.19 -12.25
N TYR A 343 -6.15 6.65 -11.49
CA TYR A 343 -6.16 6.80 -10.04
C TYR A 343 -4.88 7.48 -9.57
N PHE A 344 -5.04 8.68 -9.00
CA PHE A 344 -3.93 9.46 -8.47
C PHE A 344 -4.26 9.67 -7.00
N ARG A 345 -3.41 9.15 -6.12
CA ARG A 345 -3.66 9.26 -4.68
C ARG A 345 -5.08 8.74 -4.40
N THR A 346 -5.98 9.56 -3.89
CA THR A 346 -7.36 9.10 -3.60
C THR A 346 -8.37 9.49 -4.67
N THR A 347 -7.89 9.96 -5.83
CA THR A 347 -8.74 10.38 -6.96
C THR A 347 -8.99 9.24 -7.94
N ASP A 348 -10.21 9.20 -8.49
CA ASP A 348 -10.61 8.24 -9.52
C ASP A 348 -11.24 9.13 -10.60
N VAL A 349 -10.57 9.25 -11.75
CA VAL A 349 -11.07 10.12 -12.81
C VAL A 349 -10.91 9.51 -14.19
N THR A 350 -11.94 9.62 -15.01
CA THR A 350 -11.89 9.11 -16.37
C THR A 350 -10.96 10.00 -17.21
N GLY A 351 -10.21 9.38 -18.11
CA GLY A 351 -9.31 10.13 -18.98
C GLY A 351 -9.28 9.49 -20.34
N VAL A 352 -8.87 10.27 -21.35
CA VAL A 352 -8.78 9.81 -22.73
C VAL A 352 -7.32 9.80 -23.17
N VAL A 353 -6.89 8.65 -23.70
CA VAL A 353 -5.54 8.45 -24.17
C VAL A 353 -5.25 8.95 -25.58
N GLN A 354 -4.10 9.60 -25.75
CA GLN A 354 -3.65 10.03 -27.08
C GLN A 354 -2.22 9.54 -27.22
N LEU A 355 -2.00 8.58 -28.11
CA LEU A 355 -0.66 8.03 -28.31
C LEU A 355 0.19 8.99 -29.16
N PRO A 356 1.52 8.92 -29.02
CA PRO A 356 2.39 9.82 -29.80
C PRO A 356 2.25 9.60 -31.30
N PRO A 357 2.60 10.64 -32.09
CA PRO A 357 2.51 10.51 -33.55
C PRO A 357 3.32 9.32 -34.01
N GLY A 358 2.74 8.48 -34.85
CA GLY A 358 3.44 7.31 -35.35
C GLY A 358 3.22 6.03 -34.57
N VAL A 359 2.66 6.11 -33.36
CA VAL A 359 2.43 4.93 -32.54
C VAL A 359 0.97 4.49 -32.66
N GLU A 360 0.75 3.35 -33.31
CA GLU A 360 -0.59 2.84 -33.55
C GLU A 360 -1.28 2.32 -32.29
N MET A 361 -0.50 1.64 -31.45
CA MET A 361 -1.04 1.11 -30.21
C MET A 361 0.09 0.77 -29.29
N VAL A 362 -0.24 0.59 -28.01
CA VAL A 362 0.77 0.22 -27.02
C VAL A 362 0.42 -1.17 -26.51
N MET A 363 1.45 -1.99 -26.30
CA MET A 363 1.25 -3.38 -25.92
C MET A 363 1.69 -3.78 -24.54
N PRO A 364 1.04 -4.78 -23.97
CA PRO A 364 1.39 -5.27 -22.63
C PRO A 364 2.86 -5.69 -22.62
N GLY A 365 3.56 -5.38 -21.53
CA GLY A 365 4.96 -5.74 -21.42
C GLY A 365 5.91 -4.59 -21.77
N ASP A 366 5.38 -3.56 -22.42
CA ASP A 366 6.19 -2.43 -22.84
C ASP A 366 6.05 -1.23 -21.88
N ASN A 367 7.08 -0.38 -21.88
CA ASN A 367 7.14 0.85 -21.11
C ASN A 367 7.01 1.89 -22.23
N VAL A 368 5.89 2.58 -22.24
CA VAL A 368 5.59 3.54 -23.29
C VAL A 368 5.34 4.93 -22.75
N THR A 369 5.07 5.87 -23.65
CA THR A 369 4.74 7.23 -23.27
C THR A 369 3.51 7.63 -24.08
N PHE A 370 2.64 8.40 -23.45
CA PHE A 370 1.47 8.94 -24.13
C PHE A 370 0.88 10.09 -23.34
N THR A 371 -0.10 10.73 -23.95
CA THR A 371 -0.76 11.89 -23.38
C THR A 371 -2.16 11.51 -22.92
N VAL A 372 -2.63 12.21 -21.90
CA VAL A 372 -3.95 11.95 -21.33
C VAL A 372 -4.68 13.25 -21.06
N GLU A 373 -5.99 13.25 -21.36
CA GLU A 373 -6.83 14.39 -21.03
C GLU A 373 -7.91 13.86 -20.09
N LEU A 374 -7.92 14.38 -18.87
CA LEU A 374 -8.89 13.96 -17.84
C LEU A 374 -10.19 14.72 -17.99
N ILE A 375 -11.30 14.11 -17.57
CA ILE A 375 -12.59 14.79 -17.70
C ILE A 375 -12.85 15.81 -16.60
N LYS A 376 -12.05 15.76 -15.54
CA LYS A 376 -12.12 16.76 -14.46
C LYS A 376 -10.71 17.08 -14.00
N PRO A 377 -10.49 18.27 -13.44
CA PRO A 377 -9.15 18.64 -12.98
C PRO A 377 -8.71 17.79 -11.79
N VAL A 378 -7.41 17.56 -11.71
CA VAL A 378 -6.81 16.81 -10.61
C VAL A 378 -5.54 17.52 -10.21
N ALA A 379 -5.18 17.47 -8.92
CA ALA A 379 -3.93 18.07 -8.48
C ALA A 379 -2.84 17.17 -9.06
N LEU A 380 -2.11 17.65 -10.06
CA LEU A 380 -1.07 16.86 -10.69
C LEU A 380 0.25 17.58 -10.65
N GLU A 381 1.33 16.81 -10.66
CA GLU A 381 2.68 17.35 -10.66
C GLU A 381 3.59 16.28 -11.24
N GLU A 382 4.71 16.71 -11.81
CA GLU A 382 5.68 15.77 -12.35
C GLU A 382 6.14 14.82 -11.25
N GLY A 383 6.26 13.55 -11.59
CA GLY A 383 6.73 12.56 -10.63
C GLY A 383 5.63 11.81 -9.88
N LEU A 384 4.39 12.26 -10.03
CA LEU A 384 3.26 11.62 -9.38
C LEU A 384 2.95 10.28 -10.05
N ARG A 385 2.94 9.21 -9.25
CA ARG A 385 2.65 7.88 -9.77
C ARG A 385 1.15 7.65 -9.75
N PHE A 386 0.69 6.75 -10.61
CA PHE A 386 -0.73 6.47 -10.70
C PHE A 386 -0.96 5.12 -11.34
N ALA A 387 -2.23 4.70 -11.40
CA ALA A 387 -2.59 3.44 -12.05
C ALA A 387 -3.75 3.69 -12.98
N ILE A 388 -3.91 2.79 -13.95
CA ILE A 388 -4.96 2.86 -14.94
C ILE A 388 -5.77 1.57 -14.83
N ARG A 389 -7.08 1.70 -14.71
CA ARG A 389 -7.96 0.54 -14.61
C ARG A 389 -9.05 0.60 -15.65
N GLU A 390 -9.44 -0.57 -16.13
CA GLU A 390 -10.52 -0.63 -17.10
C GLU A 390 -11.19 -2.02 -16.94
N GLY A 391 -12.49 -2.01 -16.68
CA GLY A 391 -13.22 -3.25 -16.50
C GLY A 391 -12.80 -4.10 -15.30
N GLY A 392 -12.25 -3.47 -14.27
CA GLY A 392 -11.85 -4.22 -13.09
C GLY A 392 -10.46 -4.83 -13.20
N ARG A 393 -9.70 -4.41 -14.22
CA ARG A 393 -8.34 -4.91 -14.43
C ARG A 393 -7.38 -3.72 -14.37
N THR A 394 -6.20 -3.95 -13.80
CA THR A 394 -5.17 -2.91 -13.73
C THR A 394 -4.45 -2.99 -15.09
N VAL A 395 -4.71 -2.03 -15.96
CA VAL A 395 -4.09 -2.08 -17.30
C VAL A 395 -2.78 -1.35 -17.44
N GLY A 396 -2.51 -0.41 -16.54
CA GLY A 396 -1.25 0.32 -16.61
C GLY A 396 -0.83 0.90 -15.28
N ALA A 397 0.47 1.14 -15.15
CA ALA A 397 1.07 1.74 -13.96
C ALA A 397 1.96 2.84 -14.53
N GLY A 398 1.73 4.07 -14.12
CA GLY A 398 2.52 5.14 -14.69
C GLY A 398 2.98 6.23 -13.78
N VAL A 399 3.68 7.19 -14.37
CA VAL A 399 4.18 8.34 -13.64
C VAL A 399 4.02 9.55 -14.56
N VAL A 400 3.55 10.65 -13.99
CA VAL A 400 3.36 11.88 -14.76
C VAL A 400 4.74 12.47 -15.08
N THR A 401 4.99 12.74 -16.35
CA THR A 401 6.29 13.27 -16.75
C THR A 401 6.25 14.72 -17.23
N LYS A 402 5.07 15.21 -17.61
CA LYS A 402 4.95 16.60 -18.05
C LYS A 402 3.51 17.08 -17.92
N ILE A 403 3.36 18.30 -17.42
CA ILE A 403 2.03 18.92 -17.30
C ILE A 403 1.82 19.74 -18.59
N LEU A 404 0.76 19.46 -19.31
CA LEU A 404 0.47 20.16 -20.56
C LEU A 404 -0.56 21.27 -20.37
N GLU A 405 -1.62 20.97 -19.63
CA GLU A 405 -2.68 21.94 -19.35
C GLU A 405 -3.24 21.73 -17.94
PG GNP B . -6.51 -13.49 1.92
O1G GNP B . -6.24 -12.43 2.95
O2G GNP B . -5.80 -13.14 0.68
O3G GNP B . -8.00 -13.69 1.78
N3B GNP B . -5.83 -14.89 2.50
PB GNP B . -4.42 -15.01 3.30
O1B GNP B . -3.27 -14.81 2.40
O2B GNP B . -4.41 -14.13 4.52
O3A GNP B . -4.42 -16.55 3.77
PA GNP B . -4.82 -17.18 5.17
O1A GNP B . -3.86 -16.83 6.24
O2A GNP B . -6.23 -16.79 5.42
O5' GNP B . -4.64 -18.71 4.87
C5' GNP B . -5.37 -19.33 3.81
C4' GNP B . -5.46 -20.79 4.08
O4' GNP B . -4.20 -21.51 3.95
C3' GNP B . -6.02 -21.25 5.45
O3' GNP B . -6.83 -22.42 5.33
C2' GNP B . -4.78 -21.47 6.27
O2' GNP B . -4.89 -22.31 7.42
C1' GNP B . -3.82 -22.00 5.22
N9 GNP B . -2.42 -21.80 5.53
C8 GNP B . -1.77 -20.62 5.88
N7 GNP B . -0.50 -20.78 6.10
C5 GNP B . -0.29 -22.13 5.90
C6 GNP B . 0.91 -22.91 6.01
O6 GNP B . 2.03 -22.52 6.31
N1 GNP B . 0.71 -24.30 5.71
C2 GNP B . -0.52 -24.85 5.35
N2 GNP B . -0.54 -26.17 5.11
N3 GNP B . -1.67 -24.12 5.26
C4 GNP B . -1.47 -22.78 5.55
MG MG C . -5.85 -12.61 4.92
C12 PUL D . -7.01 0.49 -8.18
C13 PUL D . -8.08 1.43 -7.60
C14 PUL D . -7.92 1.62 -6.12
C15 PUL D . -7.65 2.81 -5.57
C16 PUL D . -7.28 3.02 -4.20
C17 PUL D . -6.77 4.17 -3.72
C18 PUL D . -6.43 4.35 -2.31
C19 PUL D . -5.89 5.45 -1.77
C20 PUL D . -5.50 5.56 -0.34
C11 PUL D . -5.58 0.85 -8.33
C10 PUL D . -5.15 2.13 -8.08
C9 PUL D . -3.81 2.55 -7.70
C8 PUL D . -3.56 3.83 -7.39
C7 PUL D . -2.25 4.46 -7.17
C6 PUL D . -2.18 5.75 -6.74
C5 PUL D . -0.96 6.53 -6.30
C4 PUL D . -0.72 6.56 -4.79
O12 PUL D . -7.43 -0.63 -8.49
C21 PUL D . -4.25 6.44 -0.13
O21 PUL D . -3.19 5.89 -0.89
C43 PUL D . -4.65 -0.27 -8.78
C42 PUL D . -0.99 3.62 -7.44
C41 PUL D . 0.53 7.31 -4.38
C3 PUL D . -1.57 5.98 -3.91
C2 PUL D . -1.43 5.89 -2.43
C1 PUL D . -2.51 6.69 -1.76
O1 PUL D . -2.74 7.88 -1.94
O5 PUL D . -1.07 7.85 -6.82
O13 PUL D . -9.37 0.85 -7.87
C22 PUL D . -3.78 6.53 1.35
C23 PUL D . -4.92 6.73 2.35
C24 PUL D . -4.53 6.79 3.86
C25 PUL D . -5.74 6.75 4.75
C26 PUL D . -5.80 7.68 5.88
C27 PUL D . -6.83 7.66 6.78
C28 PUL D . -6.82 8.58 7.89
C29 PUL D . -7.65 8.47 8.95
C30 PUL D . -7.56 9.34 10.10
C31 PUL D . -8.16 9.12 11.28
C44 PUL D . -2.63 7.56 1.49
O23 PUL D . -5.70 7.89 1.99
O25 PUL D . -6.62 5.91 4.50
C32 PUL D . -8.02 10.02 12.49
O32 PUL D . -7.64 9.26 13.63
C33 PUL D . -9.34 10.78 12.77
O33 PUL D . -10.34 9.79 13.06
C35 PUL D . -11.50 9.82 12.25
C45 PUL D . -3.54 5.66 4.27
O35 PUL D . -12.31 10.93 12.63
C39 PUL D . -13.48 11.11 11.83
C38 PUL D . -14.41 9.87 11.88
C37 PUL D . -13.63 8.53 11.69
C36 PUL D . -12.26 8.50 12.43
C46 PUL D . -10.96 6.54 12.90
O36 PUL D . -11.52 7.39 11.91
O37 PUL D . -14.42 7.40 12.05
O38 PUL D . -15.35 9.91 13.00
C47 PUL D . -14.85 9.76 14.34
C40 PUL D . -14.17 12.43 12.23
C34 PUL D . -9.18 11.80 13.90
#